data_1O7F
#
_entry.id   1O7F
#
_cell.length_a   67.429
_cell.length_b   96.062
_cell.length_c   103.776
_cell.angle_alpha   90.00
_cell.angle_beta   90.00
_cell.angle_gamma   90.00
#
_symmetry.space_group_name_H-M   'P 21 21 21'
#
loop_
_entity.id
_entity.type
_entity.pdbx_description
1 polymer 'CAMP-DEPENDENT RAP1 GUANINE-NUCLEOTIDE EXCHANGE FACTOR'
2 water water
#
_entity_poly.entity_id   1
_entity_poly.type   'polypeptide(L)'
_entity_poly.pdbx_seq_one_letter_code
;GSPGIPMVAAHAAHSQSSAEWIACLDKRPLERSSEDVDIIFTRLKGVKAFEKFHPNLLRQICLCGYYENLEKGITLFRQG
DIGTNWYAVLAGSLDVKVSETSSHQDAVTICTLGIGTAFGESILDNTPRHATIVTRESSELLRIEQEDFKALWEKYRQYM
AGLLAPPYGVMETGSNNDRIPDKENVPSEKILRAGKILRIAILSRAPHMIRDRKYHLKTYRQCCVGTELVDWMIQQTSCV
HSRTQAVGMWQVLLEDGVLNHVDQERHFQDKYLFYRFLDDEREDAPLPTEEEKKECDEELQDTMLLLSQMGPDAHMRMIL
RKPPGQRTVDDLEIIYDELLHIKALSHLSTTVKRELAGVLIFESHAKGGTVLFNQGEEGTSWYIILKGSVNVVIYGKGVV
CTLHEGDDFGKLALVNDAPRAASIVLREDNCHFLRVDKEDFNRILRDVEANTVRLKEHDQDVLVLEKVP
;
_entity_poly.pdbx_strand_id   A
#
# COMPACT_ATOMS: atom_id res chain seq x y z
N ALA A 19 -10.15 1.05 23.30
CA ALA A 19 -10.64 2.30 23.95
C ALA A 19 -9.89 2.54 25.26
N GLU A 20 -9.13 1.53 25.68
CA GLU A 20 -8.35 1.61 26.90
C GLU A 20 -7.16 2.54 26.69
N TRP A 21 -6.47 2.35 25.56
CA TRP A 21 -5.30 3.16 25.21
C TRP A 21 -5.62 4.65 25.18
N ILE A 22 -6.85 4.96 24.76
CA ILE A 22 -7.31 6.34 24.69
C ILE A 22 -7.26 6.95 26.08
N ALA A 23 -7.70 6.19 27.08
CA ALA A 23 -7.69 6.66 28.46
C ALA A 23 -6.26 6.87 28.92
N CYS A 24 -5.35 6.04 28.43
CA CYS A 24 -3.94 6.16 28.80
C CYS A 24 -3.37 7.45 28.21
N LEU A 25 -3.69 7.72 26.95
CA LEU A 25 -3.19 8.93 26.31
C LEU A 25 -3.87 10.16 26.90
N ASP A 26 -5.12 10.00 27.32
CA ASP A 26 -5.87 11.11 27.91
C ASP A 26 -5.37 11.45 29.30
N LYS A 27 -4.37 10.70 29.76
CA LYS A 27 -3.80 10.94 31.07
C LYS A 27 -2.60 11.86 30.88
N ARG A 28 -2.13 12.47 31.97
CA ARG A 28 -0.99 13.37 31.88
C ARG A 28 0.26 12.53 31.62
N PRO A 29 1.24 13.08 30.88
CA PRO A 29 2.48 12.36 30.58
C PRO A 29 3.28 11.94 31.81
N LEU A 30 3.42 12.87 32.76
CA LEU A 30 4.17 12.61 33.99
C LEU A 30 3.54 11.58 34.92
N GLU A 31 2.24 11.38 34.78
CA GLU A 31 1.52 10.42 35.62
C GLU A 31 1.23 9.12 34.87
N ARG A 32 1.96 8.87 33.79
CA ARG A 32 1.76 7.65 33.02
C ARG A 32 2.73 6.55 33.42
N SER A 33 2.17 5.44 33.92
CA SER A 33 2.99 4.32 34.33
C SER A 33 3.42 3.55 33.10
N SER A 34 4.59 2.94 33.18
CA SER A 34 5.12 2.15 32.06
C SER A 34 4.03 1.15 31.68
N GLU A 35 3.08 0.97 32.59
CA GLU A 35 1.96 0.07 32.40
C GLU A 35 1.10 0.61 31.25
N ASP A 36 0.73 1.89 31.36
CA ASP A 36 -0.07 2.57 30.33
C ASP A 36 0.70 2.54 29.02
N VAL A 37 1.96 2.99 29.09
CA VAL A 37 2.84 3.03 27.94
C VAL A 37 2.76 1.75 27.11
N ASP A 38 2.62 0.61 27.80
CA ASP A 38 2.54 -0.67 27.13
C ASP A 38 1.26 -0.82 26.31
N ILE A 39 0.15 -0.33 26.86
CA ILE A 39 -1.14 -0.42 26.18
C ILE A 39 -1.22 0.53 24.97
N ILE A 40 -0.60 1.70 25.10
CA ILE A 40 -0.60 2.69 24.04
C ILE A 40 0.32 2.17 22.94
N PHE A 41 1.45 1.62 23.36
CA PHE A 41 2.45 1.08 22.46
C PHE A 41 1.82 0.06 21.51
N THR A 42 1.08 -0.88 22.07
CA THR A 42 0.44 -1.92 21.28
C THR A 42 -0.44 -1.34 20.19
N ARG A 43 -1.22 -0.33 20.56
CA ARG A 43 -2.12 0.31 19.62
C ARG A 43 -1.37 1.05 18.52
N LEU A 44 -0.24 1.64 18.87
CA LEU A 44 0.55 2.42 17.93
C LEU A 44 1.55 1.65 17.08
N LYS A 45 2.00 0.50 17.55
CA LYS A 45 2.98 -0.29 16.81
C LYS A 45 2.54 -0.55 15.35
N GLY A 46 1.23 -0.53 15.11
CA GLY A 46 0.74 -0.78 13.78
C GLY A 46 0.60 0.41 12.83
N VAL A 47 0.91 1.61 13.30
CA VAL A 47 0.80 2.79 12.45
C VAL A 47 1.83 2.76 11.34
N LYS A 48 1.36 2.86 10.10
CA LYS A 48 2.23 2.82 8.93
C LYS A 48 3.50 3.65 9.12
N ALA A 49 3.34 4.88 9.61
CA ALA A 49 4.48 5.76 9.81
C ALA A 49 5.34 5.37 11.01
N PHE A 50 4.88 4.41 11.80
CA PHE A 50 5.63 3.99 12.99
C PHE A 50 6.37 2.67 12.84
N GLU A 51 5.87 1.80 11.97
CA GLU A 51 6.47 0.48 11.77
C GLU A 51 7.98 0.51 11.58
N LYS A 52 8.55 1.69 11.39
CA LYS A 52 10.00 1.80 11.21
C LYS A 52 10.63 2.62 12.34
N PHE A 53 10.02 2.57 13.51
CA PHE A 53 10.54 3.29 14.66
C PHE A 53 11.27 2.45 15.69
N HIS A 54 12.40 2.96 16.14
CA HIS A 54 13.20 2.29 17.14
C HIS A 54 12.32 2.20 18.39
N PRO A 55 12.18 0.98 18.95
CA PRO A 55 11.36 0.75 20.14
C PRO A 55 11.41 1.88 21.18
N ASN A 56 12.60 2.38 21.49
CA ASN A 56 12.73 3.45 22.48
C ASN A 56 12.02 4.71 22.00
N LEU A 57 12.12 4.98 20.70
CA LEU A 57 11.47 6.14 20.10
C LEU A 57 9.96 6.03 20.25
N LEU A 58 9.39 4.94 19.74
CA LEU A 58 7.96 4.73 19.83
C LEU A 58 7.51 4.73 21.29
N ARG A 59 8.45 4.50 22.19
CA ARG A 59 8.16 4.48 23.63
C ARG A 59 7.99 5.91 24.11
N GLN A 60 8.94 6.76 23.77
CA GLN A 60 8.90 8.16 24.15
C GLN A 60 7.58 8.75 23.68
N ILE A 61 7.25 8.47 22.42
CA ILE A 61 6.02 8.97 21.84
C ILE A 61 4.82 8.57 22.68
N CYS A 62 4.80 7.32 23.14
CA CYS A 62 3.68 6.83 23.95
C CYS A 62 3.63 7.57 25.27
N LEU A 63 4.77 8.10 25.69
CA LEU A 63 4.84 8.80 26.96
C LEU A 63 4.48 10.28 26.90
N CYS A 64 4.68 10.92 25.75
CA CYS A 64 4.39 12.35 25.63
C CYS A 64 3.28 12.74 24.65
N GLY A 65 2.76 11.77 23.89
CA GLY A 65 1.72 12.08 22.94
C GLY A 65 0.33 12.27 23.52
N TYR A 66 -0.57 12.84 22.72
CA TYR A 66 -1.95 13.07 23.14
C TYR A 66 -2.91 12.52 22.10
N TYR A 67 -4.20 12.50 22.45
CA TYR A 67 -5.24 11.97 21.57
C TYR A 67 -6.30 13.02 21.23
N GLU A 68 -6.67 13.08 19.95
CA GLU A 68 -7.69 14.01 19.51
C GLU A 68 -8.66 13.23 18.66
N ASN A 69 -9.94 13.54 18.81
CA ASN A 69 -11.01 12.92 18.05
C ASN A 69 -11.70 14.13 17.42
N LEU A 70 -11.76 14.16 16.10
CA LEU A 70 -12.39 15.28 15.42
C LEU A 70 -13.49 14.83 14.50
N GLU A 71 -14.53 15.63 14.42
CA GLU A 71 -15.67 15.34 13.56
C GLU A 71 -15.33 15.94 12.20
N LYS A 72 -16.06 15.51 11.17
CA LYS A 72 -15.81 16.02 9.82
C LYS A 72 -15.94 17.54 9.77
N GLY A 73 -15.19 18.16 8.86
CA GLY A 73 -15.27 19.59 8.68
C GLY A 73 -14.49 20.50 9.60
N ILE A 74 -13.58 19.95 10.40
CA ILE A 74 -12.78 20.79 11.30
C ILE A 74 -11.43 21.11 10.67
N THR A 75 -11.01 22.37 10.79
CA THR A 75 -9.73 22.79 10.26
C THR A 75 -8.66 22.67 11.33
N LEU A 76 -7.83 21.63 11.25
CA LEU A 76 -6.75 21.43 12.22
C LEU A 76 -5.89 22.70 12.30
N PHE A 77 -5.40 23.17 11.16
CA PHE A 77 -4.59 24.38 11.12
C PHE A 77 -4.62 25.06 9.76
N ARG A 78 -4.08 26.26 9.69
CA ARG A 78 -4.14 27.04 8.47
C ARG A 78 -2.84 27.48 7.82
N GLN A 79 -2.85 27.46 6.49
CA GLN A 79 -1.71 27.87 5.68
C GLN A 79 -1.27 29.27 6.09
N GLY A 80 0.02 29.43 6.39
CA GLY A 80 0.54 30.72 6.77
C GLY A 80 0.75 30.90 8.27
N ASP A 81 0.16 30.03 9.10
CA ASP A 81 0.33 30.14 10.55
C ASP A 81 1.52 29.36 11.06
N ILE A 82 1.96 29.73 12.25
CA ILE A 82 3.03 29.02 12.93
C ILE A 82 2.29 27.84 13.55
N GLY A 83 2.84 26.64 13.40
CA GLY A 83 2.21 25.45 13.93
C GLY A 83 2.62 25.12 15.34
N THR A 84 1.88 24.21 15.97
CA THR A 84 2.18 23.83 17.36
C THR A 84 2.37 22.33 17.57
N ASN A 85 1.81 21.52 16.68
CA ASN A 85 1.86 20.06 16.85
C ASN A 85 2.23 19.26 15.62
N TRP A 86 2.63 18.02 15.86
CA TRP A 86 2.96 17.08 14.80
C TRP A 86 1.85 16.02 14.95
N TYR A 87 1.45 15.41 13.84
CA TYR A 87 0.36 14.44 13.92
C TYR A 87 0.56 13.14 13.16
N ALA A 88 -0.26 12.18 13.55
CA ALA A 88 -0.29 10.86 12.93
C ALA A 88 -1.76 10.50 12.85
N VAL A 89 -2.21 10.15 11.66
CA VAL A 89 -3.60 9.78 11.47
C VAL A 89 -3.88 8.38 11.99
N LEU A 90 -4.73 8.28 13.02
CA LEU A 90 -5.09 6.98 13.60
C LEU A 90 -6.36 6.45 12.93
N ALA A 91 -7.22 7.35 12.49
CA ALA A 91 -8.44 6.96 11.79
C ALA A 91 -9.02 8.19 11.09
N GLY A 92 -9.84 7.96 10.06
CA GLY A 92 -10.43 9.05 9.31
C GLY A 92 -9.47 9.51 8.22
N SER A 93 -9.65 10.74 7.76
CA SER A 93 -8.79 11.28 6.71
C SER A 93 -8.90 12.79 6.64
N LEU A 94 -7.93 13.41 6.00
CA LEU A 94 -7.90 14.86 5.89
C LEU A 94 -7.55 15.37 4.50
N ASP A 95 -8.04 16.56 4.18
CA ASP A 95 -7.76 17.20 2.89
C ASP A 95 -6.70 18.27 3.09
N VAL A 96 -5.71 18.29 2.21
CA VAL A 96 -4.64 19.28 2.27
C VAL A 96 -4.97 20.34 1.21
N LYS A 97 -5.19 21.57 1.65
CA LYS A 97 -5.55 22.67 0.75
C LYS A 97 -4.48 23.75 0.71
N VAL A 98 -4.24 24.26 -0.48
CA VAL A 98 -3.25 25.30 -0.64
C VAL A 98 -3.81 26.41 -1.53
N SER A 99 -3.54 27.66 -1.16
CA SER A 99 -3.98 28.82 -1.92
C SER A 99 -2.77 29.51 -2.51
N GLU A 100 -2.91 30.00 -3.74
CA GLU A 100 -1.83 30.70 -4.42
C GLU A 100 -1.94 32.20 -4.18
N THR A 101 -3.06 32.63 -3.60
CA THR A 101 -3.27 34.04 -3.31
C THR A 101 -3.05 34.28 -1.82
N SER A 102 -3.60 35.39 -1.36
CA SER A 102 -3.48 35.78 0.05
C SER A 102 -4.77 35.43 0.78
N SER A 103 -5.79 35.03 0.03
CA SER A 103 -7.08 34.66 0.61
C SER A 103 -7.23 33.13 0.72
N HIS A 104 -7.65 32.66 1.89
CA HIS A 104 -7.87 31.23 2.11
C HIS A 104 -9.06 30.77 1.28
N GLN A 105 -9.83 31.73 0.77
CA GLN A 105 -10.99 31.43 -0.04
C GLN A 105 -10.56 30.79 -1.36
N ASP A 106 -9.33 31.07 -1.77
CA ASP A 106 -8.81 30.54 -3.01
C ASP A 106 -8.09 29.20 -2.86
N ALA A 107 -8.18 28.58 -1.69
CA ALA A 107 -7.50 27.30 -1.50
C ALA A 107 -8.15 26.12 -2.20
N VAL A 108 -7.35 25.36 -2.92
CA VAL A 108 -7.88 24.16 -3.59
C VAL A 108 -7.30 22.94 -2.92
N THR A 109 -8.06 21.86 -2.90
CA THR A 109 -7.56 20.63 -2.30
C THR A 109 -6.47 20.06 -3.21
N ILE A 110 -5.31 19.78 -2.62
CA ILE A 110 -4.18 19.22 -3.37
C ILE A 110 -4.15 17.70 -3.27
N CYS A 111 -4.43 17.18 -2.09
CA CYS A 111 -4.40 15.75 -1.86
C CYS A 111 -5.15 15.42 -0.58
N THR A 112 -5.26 14.12 -0.29
CA THR A 112 -5.93 13.65 0.90
C THR A 112 -5.04 12.68 1.66
N LEU A 113 -4.99 12.84 2.98
CA LEU A 113 -4.16 12.02 3.87
C LEU A 113 -5.01 10.99 4.59
N GLY A 114 -4.53 9.75 4.63
CA GLY A 114 -5.26 8.70 5.31
C GLY A 114 -4.54 8.01 6.46
N ILE A 115 -5.16 6.92 6.90
CA ILE A 115 -4.66 6.09 8.00
C ILE A 115 -3.20 5.72 7.83
N GLY A 116 -2.41 5.99 8.86
CA GLY A 116 -1.00 5.67 8.83
C GLY A 116 -0.06 6.79 8.41
N THR A 117 -0.59 7.90 7.90
CA THR A 117 0.24 9.00 7.46
C THR A 117 0.43 10.05 8.55
N ALA A 118 1.61 10.64 8.59
CA ALA A 118 1.95 11.62 9.58
C ALA A 118 2.21 12.96 8.86
N PHE A 119 2.11 14.08 9.57
CA PHE A 119 2.34 15.39 8.95
C PHE A 119 2.54 16.48 10.00
N GLY A 120 2.99 17.65 9.57
CA GLY A 120 3.16 18.76 10.49
C GLY A 120 4.57 18.99 11.02
N GLU A 121 5.56 18.36 10.39
CA GLU A 121 6.93 18.49 10.86
C GLU A 121 7.60 19.86 10.67
N SER A 122 6.90 20.82 10.09
CA SER A 122 7.53 22.13 9.90
C SER A 122 7.74 22.87 11.22
N ILE A 123 7.14 22.36 12.29
CA ILE A 123 7.29 22.99 13.61
C ILE A 123 8.74 22.83 14.10
N LEU A 124 9.48 21.89 13.51
CA LEU A 124 10.86 21.64 13.90
C LEU A 124 11.73 22.90 13.82
N ASP A 125 11.51 23.73 12.80
CA ASP A 125 12.27 24.99 12.68
C ASP A 125 11.34 26.19 12.66
N ASN A 126 10.17 26.03 13.28
CA ASN A 126 9.19 27.11 13.34
C ASN A 126 8.79 27.68 12.01
N THR A 127 8.64 26.82 11.02
CA THR A 127 8.24 27.29 9.71
C THR A 127 6.72 27.33 9.63
N PRO A 128 6.16 28.40 9.05
CA PRO A 128 4.71 28.54 8.92
C PRO A 128 4.13 27.41 8.06
N ARG A 129 2.95 26.93 8.39
CA ARG A 129 2.31 25.86 7.63
C ARG A 129 2.22 26.23 6.13
N HIS A 130 2.57 25.29 5.27
CA HIS A 130 2.51 25.52 3.81
C HIS A 130 1.10 25.26 3.33
N ALA A 131 0.29 24.62 4.17
CA ALA A 131 -1.06 24.26 3.76
C ALA A 131 -2.07 24.27 4.88
N THR A 132 -3.35 24.20 4.48
CA THR A 132 -4.46 24.15 5.41
C THR A 132 -4.93 22.70 5.41
N ILE A 133 -5.11 22.13 6.61
CA ILE A 133 -5.56 20.74 6.76
C ILE A 133 -6.98 20.68 7.33
N VAL A 134 -7.89 20.02 6.63
CA VAL A 134 -9.27 19.92 7.08
C VAL A 134 -9.73 18.45 7.14
N THR A 135 -10.32 18.05 8.25
CA THR A 135 -10.79 16.68 8.34
C THR A 135 -11.84 16.51 7.27
N ARG A 136 -11.81 15.36 6.62
CA ARG A 136 -12.73 15.04 5.55
C ARG A 136 -13.85 14.17 6.07
N GLU A 137 -13.66 13.65 7.27
CA GLU A 137 -14.63 12.77 7.93
C GLU A 137 -14.21 12.64 9.39
N SER A 138 -15.05 11.99 10.18
CA SER A 138 -14.74 11.77 11.59
C SER A 138 -13.33 11.18 11.66
N SER A 139 -12.45 11.79 12.43
CA SER A 139 -11.08 11.29 12.51
C SER A 139 -10.46 11.25 13.91
N GLU A 140 -9.44 10.41 14.06
CA GLU A 140 -8.72 10.26 15.31
C GLU A 140 -7.25 10.51 15.00
N LEU A 141 -6.63 11.37 15.79
CA LEU A 141 -5.24 11.70 15.55
C LEU A 141 -4.39 11.52 16.79
N LEU A 142 -3.11 11.33 16.58
CA LEU A 142 -2.14 11.22 17.66
C LEU A 142 -1.29 12.50 17.47
N ARG A 143 -1.21 13.33 18.49
CA ARG A 143 -0.44 14.56 18.36
C ARG A 143 0.67 14.68 19.38
N ILE A 144 1.75 15.34 18.97
CA ILE A 144 2.90 15.56 19.81
C ILE A 144 3.23 17.04 19.71
N GLU A 145 3.37 17.69 20.85
CA GLU A 145 3.65 19.10 20.89
C GLU A 145 5.06 19.43 20.44
N GLN A 146 5.25 20.69 20.03
CA GLN A 146 6.51 21.19 19.51
C GLN A 146 7.78 20.81 20.28
N GLU A 147 7.88 21.25 21.53
CA GLU A 147 9.04 20.96 22.37
C GLU A 147 9.38 19.47 22.40
N ASP A 148 8.38 18.65 22.69
CA ASP A 148 8.61 17.22 22.76
C ASP A 148 9.11 16.69 21.44
N PHE A 149 8.43 17.06 20.35
CA PHE A 149 8.80 16.60 19.01
C PHE A 149 10.23 16.97 18.66
N LYS A 150 10.63 18.20 18.96
CA LYS A 150 11.99 18.64 18.66
C LYS A 150 13.01 17.80 19.44
N ALA A 151 12.67 17.47 20.67
CA ALA A 151 13.57 16.67 21.51
C ALA A 151 13.73 15.30 20.86
N LEU A 152 12.61 14.67 20.52
CA LEU A 152 12.63 13.36 19.88
C LEU A 152 13.48 13.35 18.61
N TRP A 153 13.22 14.32 17.74
CA TRP A 153 13.94 14.41 16.48
C TRP A 153 15.46 14.50 16.66
N GLU A 154 15.89 15.24 17.66
CA GLU A 154 17.32 15.38 17.92
C GLU A 154 17.89 14.08 18.49
N LYS A 155 17.05 13.30 19.18
CA LYS A 155 17.47 12.05 19.80
C LYS A 155 17.20 10.78 18.98
N TYR A 156 16.45 10.89 17.88
CA TYR A 156 16.17 9.71 17.06
C TYR A 156 16.10 10.06 15.58
N ARG A 157 16.83 11.09 15.21
CA ARG A 157 16.88 11.57 13.83
C ARG A 157 17.01 10.47 12.78
N GLN A 158 18.10 9.71 12.84
CA GLN A 158 18.32 8.65 11.86
C GLN A 158 17.12 7.69 11.70
N TYR A 159 16.23 7.65 12.68
CA TYR A 159 15.06 6.78 12.59
C TYR A 159 13.86 7.54 12.07
N MET A 160 14.10 8.79 11.62
CA MET A 160 13.04 9.64 11.12
C MET A 160 13.32 10.27 9.75
N ALA A 161 14.61 10.45 9.42
CA ALA A 161 15.01 11.05 8.15
C ALA A 161 14.43 10.41 6.90
N GLY A 162 13.75 9.28 7.06
CA GLY A 162 13.14 8.61 5.92
C GLY A 162 11.67 8.93 5.84
N LEU A 163 11.13 9.40 6.96
CA LEU A 163 9.71 9.75 7.08
C LEU A 163 9.41 11.23 6.84
N LEU A 164 10.31 12.10 7.30
CA LEU A 164 10.11 13.54 7.19
C LEU A 164 10.51 14.20 5.88
N ALA A 165 9.71 15.17 5.47
CA ALA A 165 9.97 15.89 4.26
C ALA A 165 11.21 16.79 4.42
N PRO A 166 11.92 17.08 3.32
CA PRO A 166 13.10 17.94 3.42
C PRO A 166 12.60 19.27 3.95
N PRO A 167 13.45 20.05 4.63
CA PRO A 167 14.86 19.79 4.94
C PRO A 167 15.10 19.01 6.22
N TYR A 168 14.05 18.54 6.88
CA TYR A 168 14.22 17.79 8.13
C TYR A 168 14.55 16.34 7.85
N GLY A 169 14.13 15.87 6.67
CA GLY A 169 14.40 14.50 6.28
C GLY A 169 14.98 14.57 4.88
N VAL A 170 15.08 13.44 4.20
CA VAL A 170 15.63 13.42 2.85
C VAL A 170 14.54 13.48 1.77
N MET A 171 14.91 13.94 0.57
CA MET A 171 13.95 14.02 -0.52
C MET A 171 13.55 12.61 -0.95
N GLU A 172 14.51 11.69 -0.99
CA GLU A 172 14.18 10.32 -1.37
C GLU A 172 15.00 9.25 -0.66
N THR A 173 14.59 8.00 -0.81
CA THR A 173 15.27 6.86 -0.19
C THR A 173 15.60 5.79 -1.23
N VAL A 186 15.12 -10.08 -5.59
CA VAL A 186 15.24 -10.79 -4.33
C VAL A 186 13.88 -11.01 -3.67
N PRO A 187 13.62 -12.25 -3.19
CA PRO A 187 12.37 -12.67 -2.53
C PRO A 187 12.22 -12.26 -1.07
N SER A 188 10.98 -12.32 -0.60
CA SER A 188 10.66 -11.99 0.79
C SER A 188 11.19 -13.11 1.67
N GLU A 189 10.64 -13.24 2.86
CA GLU A 189 11.25 -14.20 3.83
C GLU A 189 10.11 -15.15 4.14
N LYS A 190 8.92 -14.57 4.25
CA LYS A 190 7.71 -15.33 4.55
C LYS A 190 7.28 -16.06 3.27
N ILE A 191 7.28 -15.33 2.16
CA ILE A 191 6.91 -15.88 0.87
C ILE A 191 7.94 -16.89 0.40
N LEU A 192 9.17 -16.71 0.86
CA LEU A 192 10.24 -17.62 0.48
C LEU A 192 10.07 -18.93 1.23
N ARG A 193 9.38 -18.87 2.36
CA ARG A 193 9.15 -20.06 3.17
C ARG A 193 7.98 -20.87 2.63
N ALA A 194 6.95 -20.16 2.17
CA ALA A 194 5.75 -20.80 1.61
C ALA A 194 6.15 -21.59 0.37
N GLY A 195 7.07 -21.03 -0.41
CA GLY A 195 7.54 -21.68 -1.62
C GLY A 195 8.17 -23.01 -1.24
N LYS A 196 8.98 -22.99 -0.18
CA LYS A 196 9.66 -24.19 0.32
C LYS A 196 8.64 -25.24 0.75
N ILE A 197 7.73 -24.82 1.62
CA ILE A 197 6.69 -25.67 2.17
C ILE A 197 5.73 -26.32 1.16
N LEU A 198 5.49 -25.65 0.04
CA LEU A 198 4.60 -26.23 -0.95
C LEU A 198 5.36 -27.22 -1.80
N ARG A 199 6.58 -26.85 -2.18
CA ARG A 199 7.41 -27.73 -2.99
C ARG A 199 7.57 -29.11 -2.34
N ILE A 200 7.68 -29.13 -1.01
CA ILE A 200 7.85 -30.40 -0.31
C ILE A 200 6.54 -31.16 -0.21
N ALA A 201 5.43 -30.43 -0.04
CA ALA A 201 4.14 -31.08 0.03
C ALA A 201 3.84 -31.71 -1.33
N ILE A 202 4.24 -31.03 -2.41
CA ILE A 202 4.02 -31.53 -3.75
C ILE A 202 4.95 -32.71 -4.03
N LEU A 203 6.21 -32.60 -3.62
CA LEU A 203 7.16 -33.69 -3.81
C LEU A 203 6.77 -34.87 -2.95
N SER A 204 6.02 -34.58 -1.90
CA SER A 204 5.57 -35.62 -0.97
C SER A 204 4.30 -36.32 -1.46
N ARG A 205 3.21 -35.58 -1.61
CA ARG A 205 1.94 -36.14 -2.06
C ARG A 205 1.83 -36.42 -3.56
N ALA A 206 2.34 -35.51 -4.39
CA ALA A 206 2.24 -35.68 -5.83
C ALA A 206 3.57 -35.54 -6.55
N PRO A 207 4.53 -36.43 -6.27
CA PRO A 207 5.88 -36.47 -6.84
C PRO A 207 5.98 -36.28 -8.35
N HIS A 208 4.99 -36.79 -9.08
CA HIS A 208 4.96 -36.72 -10.53
C HIS A 208 4.84 -35.30 -11.08
N MET A 209 4.47 -34.36 -10.23
CA MET A 209 4.28 -32.98 -10.65
C MET A 209 5.52 -32.18 -11.02
N ILE A 210 6.65 -32.54 -10.44
CA ILE A 210 7.91 -31.85 -10.72
C ILE A 210 8.81 -32.80 -11.51
N ARG A 211 9.09 -32.46 -12.76
CA ARG A 211 9.93 -33.33 -13.57
C ARG A 211 10.36 -32.67 -14.86
N ASP A 212 11.31 -33.29 -15.54
CA ASP A 212 11.79 -32.77 -16.80
C ASP A 212 10.64 -32.95 -17.77
N ARG A 213 10.45 -31.97 -18.66
CA ARG A 213 9.37 -32.04 -19.63
C ARG A 213 9.88 -31.65 -21.01
N LYS A 214 9.43 -32.38 -22.02
CA LYS A 214 9.83 -32.10 -23.38
C LYS A 214 8.74 -31.27 -24.04
N TYR A 215 9.12 -30.16 -24.69
CA TYR A 215 8.13 -29.32 -25.34
C TYR A 215 8.26 -29.36 -26.86
N HIS A 216 9.24 -28.64 -27.39
CA HIS A 216 9.46 -28.63 -28.84
C HIS A 216 10.91 -28.95 -29.14
N LEU A 217 11.23 -30.25 -29.15
CA LEU A 217 12.59 -30.69 -29.42
C LEU A 217 13.54 -30.03 -28.43
N LYS A 218 12.96 -29.57 -27.33
CA LYS A 218 13.71 -28.91 -26.26
C LYS A 218 13.23 -29.53 -24.94
N THR A 219 14.12 -29.59 -23.96
CA THR A 219 13.78 -30.19 -22.68
C THR A 219 13.90 -29.25 -21.50
N TYR A 220 12.79 -29.05 -20.79
CA TYR A 220 12.78 -28.18 -19.62
C TYR A 220 12.88 -29.07 -18.40
N ARG A 221 13.90 -28.81 -17.60
CA ARG A 221 14.21 -29.58 -16.40
C ARG A 221 13.42 -29.22 -15.13
N GLN A 222 13.11 -30.26 -14.36
CA GLN A 222 12.39 -30.15 -13.09
C GLN A 222 11.37 -29.02 -12.91
N CYS A 223 10.39 -28.94 -13.80
CA CYS A 223 9.39 -27.89 -13.68
C CYS A 223 7.98 -28.45 -13.50
N CYS A 224 7.01 -27.56 -13.27
CA CYS A 224 5.61 -27.91 -13.06
C CYS A 224 4.77 -27.26 -14.14
N VAL A 225 3.50 -27.66 -14.22
CA VAL A 225 2.58 -27.13 -15.21
C VAL A 225 1.48 -26.29 -14.57
N GLY A 226 1.30 -25.08 -15.10
CA GLY A 226 0.30 -24.16 -14.57
C GLY A 226 -1.00 -24.82 -14.13
N THR A 227 -1.72 -25.38 -15.10
CA THR A 227 -2.98 -26.04 -14.80
C THR A 227 -2.88 -27.12 -13.70
N GLU A 228 -1.76 -27.82 -13.64
CA GLU A 228 -1.61 -28.87 -12.65
C GLU A 228 -1.34 -28.33 -11.25
N LEU A 229 -0.74 -27.13 -11.17
CA LEU A 229 -0.48 -26.51 -9.88
C LEU A 229 -1.82 -26.07 -9.32
N VAL A 230 -2.63 -25.47 -10.19
CA VAL A 230 -3.97 -25.05 -9.81
C VAL A 230 -4.76 -26.27 -9.35
N ASP A 231 -4.73 -27.33 -10.17
CA ASP A 231 -5.43 -28.57 -9.83
C ASP A 231 -5.03 -29.04 -8.43
N TRP A 232 -3.72 -29.15 -8.21
CA TRP A 232 -3.24 -29.60 -6.92
C TRP A 232 -3.62 -28.69 -5.76
N MET A 233 -3.52 -27.38 -5.96
CA MET A 233 -3.87 -26.46 -4.87
C MET A 233 -5.32 -26.63 -4.43
N ILE A 234 -6.22 -26.71 -5.40
CA ILE A 234 -7.63 -26.88 -5.09
C ILE A 234 -7.95 -28.15 -4.32
N GLN A 235 -7.37 -29.28 -4.75
CA GLN A 235 -7.63 -30.55 -4.09
C GLN A 235 -7.03 -30.71 -2.70
N GLN A 236 -5.94 -30.00 -2.42
CA GLN A 236 -5.31 -30.09 -1.10
C GLN A 236 -6.29 -29.61 -0.05
N THR A 237 -5.78 -29.06 1.04
CA THR A 237 -6.69 -28.60 2.09
C THR A 237 -7.54 -27.43 1.60
N SER A 238 -8.79 -27.42 2.04
CA SER A 238 -9.74 -26.39 1.63
C SER A 238 -9.82 -26.49 0.12
N CYS A 239 -10.96 -26.96 -0.39
CA CYS A 239 -11.25 -26.66 -1.84
C CYS A 239 -10.79 -25.39 -2.56
N VAL A 240 -10.40 -24.38 -1.78
CA VAL A 240 -9.94 -23.09 -2.32
C VAL A 240 -11.04 -22.51 -3.22
N HIS A 241 -12.11 -23.27 -3.35
CA HIS A 241 -13.30 -22.88 -4.11
C HIS A 241 -13.23 -22.71 -5.61
N SER A 242 -12.08 -22.34 -6.16
CA SER A 242 -12.04 -21.98 -7.60
C SER A 242 -10.62 -21.98 -8.14
N ARG A 243 -10.52 -22.06 -9.45
CA ARG A 243 -9.22 -22.04 -10.11
C ARG A 243 -8.66 -20.61 -10.06
N THR A 244 -9.51 -19.63 -10.32
CA THR A 244 -9.06 -18.23 -10.28
C THR A 244 -8.39 -17.89 -8.97
N GLN A 245 -9.02 -18.25 -7.85
CA GLN A 245 -8.46 -17.97 -6.54
C GLN A 245 -7.07 -18.59 -6.49
N ALA A 246 -6.96 -19.80 -7.00
CA ALA A 246 -5.70 -20.54 -7.04
C ALA A 246 -4.66 -19.76 -7.83
N VAL A 247 -5.07 -19.18 -8.96
CA VAL A 247 -4.12 -18.43 -9.76
C VAL A 247 -3.52 -17.27 -8.97
N GLY A 248 -4.37 -16.53 -8.25
CA GLY A 248 -3.88 -15.40 -7.48
C GLY A 248 -2.88 -15.85 -6.43
N MET A 249 -3.20 -16.95 -5.77
CA MET A 249 -2.33 -17.48 -4.74
C MET A 249 -0.96 -17.94 -5.27
N TRP A 250 -0.93 -18.49 -6.48
CA TRP A 250 0.35 -18.92 -7.05
C TRP A 250 1.13 -17.67 -7.49
N GLN A 251 0.41 -16.68 -7.99
CA GLN A 251 1.03 -15.44 -8.44
C GLN A 251 1.83 -14.83 -7.30
N VAL A 252 1.28 -14.92 -6.09
CA VAL A 252 1.96 -14.37 -4.92
C VAL A 252 3.40 -14.87 -4.86
N LEU A 253 3.60 -16.13 -5.25
CA LEU A 253 4.93 -16.71 -5.24
C LEU A 253 5.74 -16.32 -6.48
N LEU A 254 5.08 -16.24 -7.62
CA LEU A 254 5.76 -15.90 -8.85
C LEU A 254 6.23 -14.45 -8.94
N GLU A 255 5.52 -13.53 -8.29
CA GLU A 255 5.93 -12.14 -8.35
C GLU A 255 7.08 -11.87 -7.37
N ASP A 256 7.13 -12.64 -6.28
CA ASP A 256 8.19 -12.49 -5.30
C ASP A 256 9.41 -13.32 -5.71
N GLY A 257 9.31 -13.98 -6.86
CA GLY A 257 10.43 -14.76 -7.36
C GLY A 257 10.70 -16.17 -6.85
N VAL A 258 9.82 -16.73 -6.00
CA VAL A 258 10.04 -18.08 -5.50
C VAL A 258 9.60 -19.15 -6.51
N LEU A 259 8.67 -18.77 -7.38
CA LEU A 259 8.14 -19.63 -8.45
C LEU A 259 8.31 -18.83 -9.73
N ASN A 260 9.08 -19.34 -10.69
CA ASN A 260 9.32 -18.60 -11.92
C ASN A 260 8.97 -19.32 -13.22
N HIS A 261 8.40 -18.57 -14.17
CA HIS A 261 8.06 -19.15 -15.45
C HIS A 261 9.37 -19.61 -16.06
N VAL A 262 9.38 -20.82 -16.59
CA VAL A 262 10.58 -21.38 -17.17
C VAL A 262 11.35 -20.42 -18.08
N ASP A 263 10.66 -19.44 -18.64
CA ASP A 263 11.32 -18.49 -19.51
C ASP A 263 11.54 -17.13 -18.85
N GLN A 264 10.44 -16.43 -18.53
CA GLN A 264 10.57 -15.12 -17.90
C GLN A 264 9.25 -14.48 -17.49
N GLU A 265 8.15 -14.88 -18.12
CA GLU A 265 6.84 -14.31 -17.84
C GLU A 265 6.62 -13.83 -16.42
N ARG A 266 6.07 -12.62 -16.32
CA ARG A 266 5.79 -11.95 -15.05
C ARG A 266 4.48 -12.35 -14.38
N HIS A 267 3.59 -13.02 -15.11
CA HIS A 267 2.33 -13.44 -14.51
C HIS A 267 2.03 -14.93 -14.60
N PHE A 268 1.46 -15.48 -13.54
CA PHE A 268 1.10 -16.89 -13.47
C PHE A 268 -0.19 -17.14 -14.24
N GLN A 269 -0.19 -18.15 -15.10
CA GLN A 269 -1.39 -18.47 -15.87
C GLN A 269 -1.86 -19.90 -15.69
N ASP A 270 -3.17 -20.08 -15.59
CA ASP A 270 -3.74 -21.40 -15.43
C ASP A 270 -3.78 -22.06 -16.81
N LYS A 271 -2.58 -22.32 -17.35
CA LYS A 271 -2.46 -22.93 -18.67
C LYS A 271 -1.32 -23.93 -18.74
N TYR A 272 -1.04 -24.41 -19.95
CA TYR A 272 0.05 -25.35 -20.17
C TYR A 272 1.34 -24.54 -20.32
N LEU A 273 1.87 -24.09 -19.19
CA LEU A 273 3.09 -23.28 -19.14
C LEU A 273 3.92 -23.89 -18.01
N PHE A 274 5.23 -23.86 -18.14
CA PHE A 274 6.08 -24.47 -17.11
C PHE A 274 6.63 -23.45 -16.11
N TYR A 275 6.62 -23.85 -14.85
CA TYR A 275 7.10 -23.02 -13.77
C TYR A 275 8.07 -23.87 -12.95
N ARG A 276 8.96 -23.21 -12.22
CA ARG A 276 9.92 -23.94 -11.42
C ARG A 276 10.15 -23.27 -10.08
N PHE A 277 10.30 -24.09 -9.06
CA PHE A 277 10.55 -23.61 -7.72
C PHE A 277 12.04 -23.30 -7.62
N LEU A 278 12.38 -22.44 -6.67
CA LEU A 278 13.76 -22.02 -6.46
C LEU A 278 14.70 -23.19 -6.21
N ASP A 279 14.39 -23.98 -5.18
CA ASP A 279 15.20 -25.14 -4.81
C ASP A 279 15.63 -26.04 -5.95
N ASP A 280 14.89 -26.03 -7.06
CA ASP A 280 15.20 -26.86 -8.21
C ASP A 280 16.03 -26.13 -9.25
N GLU A 281 16.63 -25.01 -8.86
CA GLU A 281 17.43 -24.25 -9.79
C GLU A 281 18.75 -24.95 -10.16
N ARG A 282 19.24 -25.83 -9.30
CA ARG A 282 20.48 -26.53 -9.59
C ARG A 282 20.31 -28.02 -9.85
N GLU A 283 21.00 -28.51 -10.88
CA GLU A 283 20.97 -29.91 -11.29
C GLU A 283 20.70 -30.85 -10.11
N ASP A 284 21.65 -30.91 -9.18
CA ASP A 284 21.50 -31.76 -8.00
C ASP A 284 20.75 -30.98 -6.92
N ALA A 285 19.83 -31.65 -6.23
CA ALA A 285 19.05 -30.99 -5.18
C ALA A 285 18.73 -31.94 -4.03
N PRO A 286 18.89 -31.47 -2.79
CA PRO A 286 18.61 -32.25 -1.58
C PRO A 286 17.16 -32.73 -1.52
N LEU A 287 16.89 -33.72 -0.68
CA LEU A 287 15.54 -34.24 -0.53
C LEU A 287 14.98 -33.88 0.82
N PRO A 288 13.66 -33.60 0.88
CA PRO A 288 12.98 -33.24 2.12
C PRO A 288 13.28 -34.29 3.18
N THR A 289 14.40 -34.10 3.88
CA THR A 289 14.83 -35.04 4.89
C THR A 289 13.92 -35.07 6.12
N GLU A 290 12.88 -35.90 6.00
CA GLU A 290 11.87 -36.08 7.04
C GLU A 290 11.63 -34.85 7.94
N GLU A 291 12.49 -34.45 8.80
CA GLU A 291 12.21 -33.27 9.61
C GLU A 291 11.32 -32.23 8.87
N GLU A 292 11.71 -31.90 7.65
CA GLU A 292 10.97 -30.93 6.85
C GLU A 292 9.55 -31.44 6.59
N LYS A 293 9.45 -32.67 6.08
CA LYS A 293 8.16 -33.27 5.79
C LYS A 293 7.24 -33.19 6.99
N LYS A 294 7.80 -33.43 8.18
CA LYS A 294 7.04 -33.37 9.43
C LYS A 294 6.66 -31.91 9.64
N GLU A 295 7.57 -31.02 9.28
CA GLU A 295 7.37 -29.58 9.41
C GLU A 295 6.30 -29.14 8.41
N CYS A 296 6.49 -29.52 7.15
CA CYS A 296 5.55 -29.19 6.09
C CYS A 296 4.16 -29.66 6.47
N ASP A 297 4.08 -30.93 6.87
CA ASP A 297 2.83 -31.54 7.26
C ASP A 297 2.02 -30.58 8.12
N GLU A 298 2.52 -30.30 9.33
CA GLU A 298 1.85 -29.40 10.25
C GLU A 298 1.76 -27.99 9.69
N GLU A 299 2.91 -27.47 9.27
CA GLU A 299 3.01 -26.12 8.74
C GLU A 299 2.79 -26.07 7.22
N LEU A 300 1.53 -26.25 6.81
CA LEU A 300 1.14 -26.19 5.40
C LEU A 300 -0.23 -25.58 5.34
N GLN A 301 -1.06 -25.99 6.28
CA GLN A 301 -2.42 -25.51 6.39
C GLN A 301 -2.49 -23.99 6.45
N ASP A 302 -1.78 -23.42 7.42
CA ASP A 302 -1.75 -21.97 7.59
C ASP A 302 -1.18 -21.27 6.36
N THR A 303 -0.19 -21.92 5.75
CA THR A 303 0.47 -21.39 4.57
C THR A 303 -0.54 -21.10 3.45
N MET A 304 -1.46 -22.05 3.24
CA MET A 304 -2.48 -21.88 2.22
C MET A 304 -3.38 -20.71 2.60
N LEU A 305 -3.74 -20.65 3.88
CA LEU A 305 -4.60 -19.59 4.38
C LEU A 305 -3.93 -18.22 4.20
N LEU A 306 -2.60 -18.20 4.36
CA LEU A 306 -1.81 -16.98 4.20
C LEU A 306 -1.86 -16.49 2.76
N LEU A 307 -1.58 -17.40 1.83
CA LEU A 307 -1.59 -17.09 0.41
C LEU A 307 -3.02 -16.73 -0.01
N SER A 308 -3.98 -17.33 0.68
CA SER A 308 -5.39 -17.08 0.40
C SER A 308 -5.68 -15.59 0.67
N GLN A 309 -5.10 -15.09 1.76
CA GLN A 309 -5.27 -13.70 2.16
C GLN A 309 -4.52 -12.77 1.21
N MET A 310 -3.25 -13.07 0.96
CA MET A 310 -2.40 -12.27 0.07
C MET A 310 -2.73 -12.42 -1.41
N GLY A 311 -3.53 -13.43 -1.75
CA GLY A 311 -3.87 -13.67 -3.13
C GLY A 311 -4.64 -12.60 -3.90
N PRO A 312 -5.82 -12.19 -3.42
CA PRO A 312 -6.62 -11.17 -4.11
C PRO A 312 -5.86 -9.95 -4.59
N ASP A 313 -4.94 -9.45 -3.77
CA ASP A 313 -4.14 -8.29 -4.16
C ASP A 313 -3.27 -8.61 -5.37
N ALA A 314 -2.34 -9.55 -5.20
CA ALA A 314 -1.45 -9.97 -6.28
C ALA A 314 -2.25 -10.16 -7.56
N HIS A 315 -3.42 -10.79 -7.42
CA HIS A 315 -4.28 -11.06 -8.56
C HIS A 315 -4.71 -9.77 -9.26
N MET A 316 -5.22 -8.81 -8.49
CA MET A 316 -5.68 -7.53 -9.06
C MET A 316 -4.60 -6.76 -9.81
N ARG A 317 -3.39 -6.73 -9.27
CA ARG A 317 -2.29 -6.01 -9.93
C ARG A 317 -1.83 -6.74 -11.19
N MET A 318 -2.17 -8.01 -11.30
CA MET A 318 -1.81 -8.78 -12.49
C MET A 318 -2.90 -8.53 -13.53
N ILE A 319 -4.14 -8.44 -13.08
CA ILE A 319 -5.25 -8.18 -13.99
C ILE A 319 -5.24 -6.76 -14.56
N LEU A 320 -5.11 -5.76 -13.68
CA LEU A 320 -5.11 -4.37 -14.13
C LEU A 320 -4.05 -4.08 -15.19
N ARG A 321 -3.11 -4.99 -15.40
CA ARG A 321 -2.08 -4.81 -16.41
C ARG A 321 -2.65 -5.10 -17.80
N LYS A 322 -3.93 -5.46 -17.82
CA LYS A 322 -4.61 -5.75 -19.07
C LYS A 322 -5.47 -4.54 -19.42
N PRO A 323 -5.40 -4.08 -20.67
CA PRO A 323 -6.19 -2.92 -21.10
C PRO A 323 -7.68 -3.07 -20.75
N PRO A 324 -8.33 -1.95 -20.43
CA PRO A 324 -9.75 -1.89 -20.07
C PRO A 324 -10.68 -2.77 -20.91
N GLY A 325 -10.32 -2.98 -22.18
CA GLY A 325 -11.16 -3.80 -23.04
C GLY A 325 -10.81 -5.27 -23.10
N GLN A 326 -9.80 -5.67 -22.32
CA GLN A 326 -9.36 -7.06 -22.31
C GLN A 326 -9.51 -7.74 -20.95
N ARG A 327 -10.58 -7.45 -20.25
CA ARG A 327 -10.81 -8.06 -18.94
C ARG A 327 -12.05 -8.92 -18.96
N THR A 328 -11.95 -10.13 -18.41
CA THR A 328 -13.06 -11.06 -18.38
C THR A 328 -14.03 -10.69 -17.27
N VAL A 329 -15.27 -11.20 -17.39
CA VAL A 329 -16.31 -10.97 -16.40
C VAL A 329 -15.75 -11.33 -15.03
N ASP A 330 -14.84 -12.30 -15.01
CA ASP A 330 -14.23 -12.76 -13.78
C ASP A 330 -13.17 -11.77 -13.27
N ASP A 331 -12.41 -11.19 -14.20
CA ASP A 331 -11.38 -10.23 -13.83
C ASP A 331 -11.99 -9.02 -13.12
N LEU A 332 -13.05 -8.49 -13.72
CA LEU A 332 -13.74 -7.33 -13.19
C LEU A 332 -14.28 -7.55 -11.79
N GLU A 333 -14.58 -8.81 -11.47
CA GLU A 333 -15.12 -9.14 -10.15
C GLU A 333 -13.98 -9.19 -9.16
N ILE A 334 -12.85 -9.73 -9.59
CA ILE A 334 -11.67 -9.82 -8.74
C ILE A 334 -11.22 -8.38 -8.43
N ILE A 335 -11.30 -7.53 -9.43
CA ILE A 335 -10.91 -6.13 -9.27
C ILE A 335 -11.91 -5.47 -8.32
N TYR A 336 -13.20 -5.54 -8.66
CA TYR A 336 -14.25 -4.96 -7.83
C TYR A 336 -14.06 -5.35 -6.38
N ASP A 337 -14.00 -6.66 -6.12
CA ASP A 337 -13.83 -7.15 -4.76
C ASP A 337 -12.74 -6.40 -4.01
N GLU A 338 -11.62 -6.16 -4.68
CA GLU A 338 -10.51 -5.43 -4.03
C GLU A 338 -10.74 -3.92 -3.86
N LEU A 339 -11.51 -3.31 -4.76
CA LEU A 339 -11.76 -1.88 -4.65
C LEU A 339 -12.53 -1.60 -3.38
N LEU A 340 -13.28 -2.59 -2.92
CA LEU A 340 -14.09 -2.46 -1.71
C LEU A 340 -13.22 -2.26 -0.49
N HIS A 341 -11.95 -2.61 -0.60
CA HIS A 341 -11.02 -2.46 0.51
C HIS A 341 -10.26 -1.13 0.42
N ILE A 342 -10.38 -0.44 -0.71
CA ILE A 342 -9.68 0.84 -0.90
C ILE A 342 -10.48 2.03 -0.33
N LYS A 343 -10.07 2.48 0.84
CA LYS A 343 -10.72 3.57 1.56
C LYS A 343 -10.88 4.86 0.76
N ALA A 344 -9.95 5.14 -0.15
CA ALA A 344 -10.01 6.36 -0.95
C ALA A 344 -11.20 6.35 -1.91
N LEU A 345 -11.85 5.19 -2.01
CA LEU A 345 -13.00 5.02 -2.89
C LEU A 345 -14.28 4.75 -2.12
N SER A 346 -14.28 4.97 -0.81
CA SER A 346 -15.47 4.69 -0.01
C SER A 346 -16.59 5.71 -0.11
N HIS A 347 -16.37 6.77 -0.90
CA HIS A 347 -17.37 7.80 -1.08
C HIS A 347 -17.99 7.61 -2.45
N LEU A 348 -17.99 6.38 -2.92
CA LEU A 348 -18.54 6.04 -4.23
C LEU A 348 -19.50 4.87 -4.19
N SER A 349 -20.62 5.01 -4.90
CA SER A 349 -21.65 3.99 -4.99
C SER A 349 -21.10 2.66 -5.46
N THR A 350 -21.75 1.57 -5.05
CA THR A 350 -21.34 0.23 -5.45
C THR A 350 -21.38 0.11 -6.96
N THR A 351 -22.49 0.55 -7.54
CA THR A 351 -22.67 0.49 -8.98
C THR A 351 -21.59 1.31 -9.68
N VAL A 352 -21.17 2.39 -9.05
CA VAL A 352 -20.13 3.25 -9.62
C VAL A 352 -18.79 2.54 -9.56
N LYS A 353 -18.47 1.94 -8.42
CA LYS A 353 -17.23 1.21 -8.28
C LYS A 353 -17.22 0.00 -9.22
N ARG A 354 -18.41 -0.55 -9.48
CA ARG A 354 -18.54 -1.69 -10.38
C ARG A 354 -18.05 -1.31 -11.77
N GLU A 355 -18.51 -0.16 -12.26
CA GLU A 355 -18.10 0.33 -13.57
C GLU A 355 -16.62 0.69 -13.59
N LEU A 356 -16.11 1.18 -12.46
CA LEU A 356 -14.71 1.59 -12.33
C LEU A 356 -13.71 0.48 -12.57
N ALA A 357 -14.08 -0.76 -12.26
CA ALA A 357 -13.17 -1.89 -12.45
C ALA A 357 -12.80 -2.07 -13.91
N GLY A 358 -13.75 -1.83 -14.81
CA GLY A 358 -13.45 -1.99 -16.22
C GLY A 358 -12.68 -0.84 -16.82
N VAL A 359 -12.58 0.26 -16.08
CA VAL A 359 -11.89 1.44 -16.56
C VAL A 359 -10.60 1.82 -15.79
N LEU A 360 -10.46 1.33 -14.55
CA LEU A 360 -9.27 1.64 -13.74
C LEU A 360 -7.98 1.38 -14.51
N ILE A 361 -6.95 2.14 -14.17
CA ILE A 361 -5.65 1.99 -14.79
C ILE A 361 -4.66 1.76 -13.67
N PHE A 362 -3.64 0.96 -13.94
CA PHE A 362 -2.61 0.67 -12.94
C PHE A 362 -1.25 1.08 -13.45
N GLU A 363 -0.48 1.81 -12.67
CA GLU A 363 0.86 2.15 -13.15
C GLU A 363 1.90 2.17 -12.06
N SER A 364 3.04 1.57 -12.38
CA SER A 364 4.15 1.52 -11.44
C SER A 364 5.36 2.23 -12.03
N HIS A 365 6.25 2.62 -11.14
CA HIS A 365 7.45 3.32 -11.52
C HIS A 365 8.53 2.79 -10.60
N ALA A 366 9.63 2.32 -11.18
CA ALA A 366 10.70 1.73 -10.40
C ALA A 366 11.65 2.69 -9.71
N LYS A 367 11.92 3.85 -10.32
CA LYS A 367 12.89 4.77 -9.75
C LYS A 367 12.41 5.99 -8.98
N GLY A 368 12.91 6.12 -7.74
CA GLY A 368 12.57 7.27 -6.93
C GLY A 368 13.13 8.48 -7.67
N GLY A 369 12.58 9.65 -7.40
CA GLY A 369 13.03 10.83 -8.11
C GLY A 369 12.21 11.04 -9.36
N THR A 370 11.44 10.04 -9.75
CA THR A 370 10.60 10.17 -10.95
C THR A 370 9.46 11.16 -10.72
N VAL A 371 9.24 12.03 -11.70
CA VAL A 371 8.18 13.03 -11.64
C VAL A 371 6.87 12.56 -12.27
N LEU A 372 5.87 12.24 -11.45
CA LEU A 372 4.57 11.80 -11.95
C LEU A 372 3.95 12.87 -12.85
N PHE A 373 3.98 14.10 -12.39
CA PHE A 373 3.48 15.24 -13.16
C PHE A 373 4.00 16.50 -12.51
N ASN A 374 4.09 17.58 -13.28
CA ASN A 374 4.61 18.83 -12.76
C ASN A 374 3.57 19.92 -12.63
N GLN A 375 3.82 20.82 -11.70
CA GLN A 375 2.97 21.96 -11.45
C GLN A 375 2.91 22.71 -12.78
N GLY A 376 1.71 23.10 -13.22
CA GLY A 376 1.57 23.82 -14.47
C GLY A 376 1.15 22.97 -15.67
N GLU A 377 1.07 21.65 -15.50
CA GLU A 377 0.67 20.76 -16.59
C GLU A 377 -0.83 20.50 -16.57
N GLU A 378 -1.42 20.25 -17.73
CA GLU A 378 -2.84 19.95 -17.73
C GLU A 378 -2.94 18.58 -17.04
N GLY A 379 -4.12 18.25 -16.54
CA GLY A 379 -4.27 16.96 -15.90
C GLY A 379 -5.71 16.49 -15.99
N THR A 380 -5.90 15.18 -15.94
CA THR A 380 -7.24 14.63 -16.00
C THR A 380 -7.28 13.34 -15.21
N SER A 381 -6.28 13.17 -14.36
CA SER A 381 -6.17 11.95 -13.59
C SER A 381 -6.08 12.07 -12.08
N TRP A 382 -6.82 11.18 -11.43
CA TRP A 382 -6.86 11.10 -9.99
C TRP A 382 -6.04 9.86 -9.67
N TYR A 383 -5.13 9.98 -8.71
CA TYR A 383 -4.28 8.87 -8.32
C TYR A 383 -4.51 8.44 -6.88
N ILE A 384 -4.33 7.14 -6.65
CA ILE A 384 -4.44 6.54 -5.34
C ILE A 384 -3.21 5.66 -5.18
N ILE A 385 -2.49 5.84 -4.08
CA ILE A 385 -1.27 5.08 -3.86
C ILE A 385 -1.47 3.65 -3.35
N LEU A 386 -0.92 2.69 -4.10
CA LEU A 386 -1.00 1.28 -3.72
C LEU A 386 0.26 0.85 -2.99
N LYS A 387 1.41 1.35 -3.43
CA LYS A 387 2.67 1.02 -2.79
C LYS A 387 3.67 2.16 -2.97
N GLY A 388 4.36 2.49 -1.89
CA GLY A 388 5.35 3.55 -1.95
C GLY A 388 4.93 4.86 -1.32
N SER A 389 5.49 5.95 -1.82
CA SER A 389 5.18 7.26 -1.31
C SER A 389 5.69 8.31 -2.29
N VAL A 390 5.21 9.53 -2.14
CA VAL A 390 5.62 10.61 -3.01
C VAL A 390 5.73 11.89 -2.20
N ASN A 391 6.38 12.88 -2.80
CA ASN A 391 6.54 14.19 -2.19
C ASN A 391 5.66 15.12 -2.99
N VAL A 392 4.97 16.02 -2.30
CA VAL A 392 4.13 16.99 -2.97
C VAL A 392 4.96 18.26 -2.95
N VAL A 393 5.33 18.74 -4.13
CA VAL A 393 6.16 19.93 -4.25
C VAL A 393 5.40 21.07 -4.90
N ILE A 394 5.54 22.26 -4.32
CA ILE A 394 4.90 23.45 -4.85
C ILE A 394 6.02 24.47 -4.99
N TYR A 395 6.17 25.05 -6.17
CA TYR A 395 7.22 26.03 -6.41
C TYR A 395 7.28 27.10 -5.34
N GLY A 396 8.51 27.45 -4.95
CA GLY A 396 8.70 28.49 -3.95
C GLY A 396 8.56 28.02 -2.53
N LYS A 397 7.92 26.87 -2.32
CA LYS A 397 7.76 26.36 -0.97
C LYS A 397 8.55 25.09 -0.72
N GLY A 398 8.62 24.23 -1.72
CA GLY A 398 9.32 22.96 -1.56
C GLY A 398 8.34 21.83 -1.30
N VAL A 399 8.74 20.90 -0.43
CA VAL A 399 7.88 19.78 -0.12
C VAL A 399 6.91 20.17 0.98
N VAL A 400 5.63 20.29 0.62
CA VAL A 400 4.59 20.67 1.58
C VAL A 400 4.09 19.46 2.36
N CYS A 401 4.26 18.26 1.82
CA CYS A 401 3.86 17.06 2.53
C CYS A 401 4.19 15.79 1.75
N THR A 402 4.27 14.68 2.46
CA THR A 402 4.59 13.43 1.78
C THR A 402 3.38 12.53 1.89
N LEU A 403 3.12 11.74 0.83
CA LEU A 403 1.98 10.85 0.81
C LEU A 403 2.39 9.40 0.81
N HIS A 404 1.57 8.55 1.42
CA HIS A 404 1.88 7.13 1.49
C HIS A 404 0.74 6.27 1.01
N GLU A 405 0.88 4.96 1.22
CA GLU A 405 -0.10 3.96 0.83
C GLU A 405 -1.48 4.31 1.34
N GLY A 406 -2.46 4.27 0.45
CA GLY A 406 -3.81 4.59 0.85
C GLY A 406 -4.15 6.04 0.54
N ASP A 407 -3.14 6.90 0.43
CA ASP A 407 -3.39 8.30 0.13
C ASP A 407 -3.70 8.55 -1.35
N ASP A 408 -4.34 9.68 -1.66
CA ASP A 408 -4.69 9.97 -3.04
C ASP A 408 -4.43 11.44 -3.37
N PHE A 409 -4.28 11.76 -4.65
CA PHE A 409 -4.01 13.13 -5.06
C PHE A 409 -4.46 13.38 -6.49
N GLY A 410 -4.76 14.64 -6.78
CA GLY A 410 -5.17 15.03 -8.12
C GLY A 410 -6.66 14.92 -8.40
N LYS A 411 -7.45 14.69 -7.36
CA LYS A 411 -8.89 14.54 -7.51
C LYS A 411 -9.57 15.73 -8.19
N LEU A 412 -9.06 16.92 -7.95
CA LEU A 412 -9.61 18.13 -8.54
C LEU A 412 -9.64 18.09 -10.08
N ALA A 413 -8.76 17.29 -10.67
CA ALA A 413 -8.70 17.18 -12.12
C ALA A 413 -9.91 16.45 -12.71
N LEU A 414 -10.73 15.84 -11.87
CA LEU A 414 -11.91 15.11 -12.35
C LEU A 414 -13.12 15.98 -12.55
N VAL A 415 -13.04 17.26 -12.21
CA VAL A 415 -14.19 18.15 -12.34
C VAL A 415 -13.77 19.57 -12.69
N ASN A 416 -12.47 19.80 -12.80
CA ASN A 416 -11.97 21.13 -13.07
C ASN A 416 -10.85 21.12 -14.13
N ASP A 417 -10.81 22.14 -14.98
CA ASP A 417 -9.79 22.23 -16.03
C ASP A 417 -8.53 23.02 -15.68
N ALA A 418 -8.44 23.52 -14.46
CA ALA A 418 -7.25 24.27 -14.06
C ALA A 418 -6.06 23.34 -14.05
N PRO A 419 -4.86 23.87 -14.28
CA PRO A 419 -3.67 23.00 -14.27
C PRO A 419 -3.26 22.51 -12.89
N ARG A 420 -2.36 21.53 -12.87
CA ARG A 420 -1.85 20.96 -11.64
C ARG A 420 -1.29 22.10 -10.78
N ALA A 421 -1.73 22.14 -9.53
CA ALA A 421 -1.31 23.17 -8.61
C ALA A 421 -0.06 22.76 -7.84
N ALA A 422 0.42 21.54 -8.09
CA ALA A 422 1.63 21.04 -7.45
C ALA A 422 2.30 19.94 -8.29
N SER A 423 3.51 19.57 -7.89
CA SER A 423 4.27 18.52 -8.57
C SER A 423 4.29 17.27 -7.70
N ILE A 424 4.29 16.10 -8.33
CA ILE A 424 4.35 14.84 -7.60
C ILE A 424 5.61 14.06 -7.99
N VAL A 425 6.46 13.84 -7.00
CA VAL A 425 7.73 13.17 -7.19
C VAL A 425 7.83 11.93 -6.30
N LEU A 426 8.19 10.80 -6.91
CA LEU A 426 8.34 9.55 -6.16
C LEU A 426 9.40 9.72 -5.10
N ARG A 427 9.07 9.29 -3.89
CA ARG A 427 9.94 9.41 -2.73
C ARG A 427 10.82 8.17 -2.55
N GLU A 428 10.45 7.09 -3.23
CA GLU A 428 11.18 5.84 -3.13
C GLU A 428 10.96 5.01 -4.38
N ASP A 429 11.72 3.92 -4.51
CA ASP A 429 11.62 3.06 -5.67
C ASP A 429 10.40 2.13 -5.63
N ASN A 430 9.94 1.74 -6.82
CA ASN A 430 8.83 0.82 -6.97
C ASN A 430 7.54 1.28 -6.30
N CYS A 431 6.94 2.29 -6.91
CA CYS A 431 5.70 2.84 -6.43
C CYS A 431 4.61 2.33 -7.37
N HIS A 432 3.47 1.98 -6.80
CA HIS A 432 2.33 1.48 -7.57
C HIS A 432 1.18 2.46 -7.39
N PHE A 433 0.44 2.70 -8.45
CA PHE A 433 -0.68 3.62 -8.33
C PHE A 433 -1.90 3.10 -9.05
N LEU A 434 -3.05 3.57 -8.58
CA LEU A 434 -4.34 3.24 -9.19
C LEU A 434 -4.65 4.59 -9.80
N ARG A 435 -5.10 4.61 -11.04
CA ARG A 435 -5.40 5.88 -11.72
C ARG A 435 -6.78 5.92 -12.35
N VAL A 436 -7.47 7.05 -12.18
CA VAL A 436 -8.81 7.26 -12.73
C VAL A 436 -8.74 8.51 -13.61
N ASP A 437 -9.05 8.36 -14.89
CA ASP A 437 -9.04 9.47 -15.83
C ASP A 437 -10.42 10.11 -15.98
N LYS A 438 -10.43 11.43 -16.19
CA LYS A 438 -11.67 12.19 -16.33
C LYS A 438 -12.60 11.76 -17.46
N GLU A 439 -12.07 11.35 -18.61
CA GLU A 439 -12.94 10.92 -19.71
C GLU A 439 -13.79 9.73 -19.27
N ASP A 440 -13.12 8.75 -18.68
CA ASP A 440 -13.76 7.53 -18.23
C ASP A 440 -14.66 7.72 -17.01
N PHE A 441 -14.25 8.60 -16.09
CA PHE A 441 -15.07 8.82 -14.89
C PHE A 441 -16.42 9.41 -15.22
N ASN A 442 -16.44 10.41 -16.10
CA ASN A 442 -17.71 11.04 -16.47
C ASN A 442 -18.60 10.13 -17.28
N ARG A 443 -18.01 9.33 -18.16
CA ARG A 443 -18.78 8.41 -18.97
C ARG A 443 -19.58 7.55 -18.02
N ILE A 444 -18.93 7.14 -16.94
CA ILE A 444 -19.56 6.31 -15.93
C ILE A 444 -20.64 7.08 -15.17
N LEU A 445 -20.29 8.25 -14.65
CA LEU A 445 -21.25 9.03 -13.90
C LEU A 445 -22.59 9.22 -14.60
N ARG A 446 -22.58 9.42 -15.91
CA ARG A 446 -23.83 9.59 -16.65
C ARG A 446 -24.43 8.24 -17.01
N ASP A 447 -23.56 7.25 -17.22
CA ASP A 447 -23.99 5.89 -17.53
C ASP A 447 -24.87 5.42 -16.37
N VAL A 448 -24.55 5.90 -15.17
CA VAL A 448 -25.30 5.53 -13.99
C VAL A 448 -26.49 6.45 -13.79
N GLU A 449 -26.64 7.42 -14.69
CA GLU A 449 -27.78 8.32 -14.61
C GLU A 449 -28.87 7.63 -15.43
N ALA A 450 -28.43 6.69 -16.25
CA ALA A 450 -29.33 5.90 -17.09
C ALA A 450 -29.93 4.84 -16.18
N ASN A 451 -31.08 5.17 -15.59
CA ASN A 451 -31.78 4.27 -14.69
C ASN A 451 -33.30 4.44 -14.81
#